data_8X4G
#
_entry.id   8X4G
#
_cell.length_a   118.170
_cell.length_b   80.630
_cell.length_c   84.820
_cell.angle_alpha   90.00
_cell.angle_beta   114.86
_cell.angle_gamma   90.00
#
_symmetry.space_group_name_H-M   'C 1 2 1'
#
loop_
_entity.id
_entity.type
_entity.pdbx_description
1 polymer 'Probable ribosomal RNA small subunit methyltransferase A'
2 water water
#
_entity_poly.entity_id   1
_entity_poly.type   'polypeptide(L)'
_entity_poly.pdbx_seq_one_letter_code
;MSSRIRINTKSLLVQPGYSGSKMRDRLFFLLSKYGIRPRDSIGQHFLIIEDVIEKAIETANVNENDVILEVGPGLGFLTD
ELAKRAKKVYTIEIDQKIIEILKKEYSWNNVKIIQGAAVRVEWPKFNKVVSNIPYKISSPFTFKLLKTDFERAVVMYQLE
FALRMVAKPGSRNYSRLSLMAQALGNVEIVMKIGKGAFYPRPKVDSALVLIEPRKDKIVLNENLVKALFQHRRKTVPRAL
KDSIHMLGVSKDEIRGIINNVPHSNKRVFQLYPEEVKDIEEYLKKHGIIS
;
_entity_poly.pdbx_strand_id   A,B
#
# COMPACT_ATOMS: atom_id res chain seq x y z
N SER A 21 22.26 -20.59 -28.53
CA SER A 21 23.46 -21.41 -28.28
C SER A 21 24.68 -20.51 -28.07
N LYS A 22 24.87 -19.57 -29.01
CA LYS A 22 25.93 -18.58 -28.93
C LYS A 22 25.65 -17.65 -27.76
N MET A 23 24.40 -17.17 -27.66
CA MET A 23 23.96 -16.33 -26.54
C MET A 23 23.83 -17.19 -25.29
N ARG A 24 23.81 -18.53 -25.43
CA ARG A 24 23.68 -19.42 -24.29
C ARG A 24 25.03 -19.94 -23.75
N ASP A 25 26.07 -20.20 -24.56
CA ASP A 25 27.39 -20.38 -23.96
C ASP A 25 27.78 -19.01 -23.41
N ARG A 26 27.26 -17.93 -24.01
CA ARG A 26 27.65 -16.58 -23.61
C ARG A 26 27.00 -16.21 -22.26
N LEU A 27 25.84 -16.81 -21.97
CA LEU A 27 25.28 -16.79 -20.61
C LEU A 27 26.19 -17.58 -19.67
N PHE A 28 26.48 -18.85 -20.00
CA PHE A 28 27.22 -19.73 -19.11
C PHE A 28 28.62 -19.21 -18.86
N PHE A 29 29.24 -18.57 -19.86
CA PHE A 29 30.62 -18.11 -19.74
C PHE A 29 30.70 -17.04 -18.65
N LEU A 30 29.67 -16.19 -18.58
CA LEU A 30 29.61 -15.12 -17.59
C LEU A 30 29.31 -15.72 -16.21
N LEU A 31 28.35 -16.65 -16.17
CA LEU A 31 28.00 -17.33 -14.93
C LEU A 31 29.21 -18.01 -14.31
N SER A 32 30.07 -18.61 -15.15
CA SER A 32 31.24 -19.32 -14.66
C SER A 32 32.40 -18.36 -14.41
N LYS A 33 32.55 -17.37 -15.30
CA LYS A 33 33.60 -16.38 -15.20
C LYS A 33 33.48 -15.61 -13.89
N TYR A 34 32.25 -15.39 -13.44
CA TYR A 34 32.00 -14.53 -12.31
C TYR A 34 31.60 -15.35 -11.09
N GLY A 35 31.53 -16.67 -11.24
CA GLY A 35 31.08 -17.55 -10.17
C GLY A 35 29.70 -17.21 -9.59
N ILE A 36 28.69 -17.13 -10.47
CA ILE A 36 27.31 -17.05 -10.03
C ILE A 36 26.49 -18.24 -10.54
N ARG A 37 25.36 -18.49 -9.85
CA ARG A 37 24.60 -19.73 -9.98
C ARG A 37 23.44 -19.51 -10.93
N PRO A 38 22.81 -20.60 -11.43
CA PRO A 38 21.63 -20.48 -12.30
C PRO A 38 20.68 -19.37 -11.84
N ARG A 39 20.23 -19.50 -10.58
CA ARG A 39 19.17 -18.67 -10.05
C ARG A 39 19.60 -18.25 -8.64
N ASP A 40 19.71 -16.92 -8.44
CA ASP A 40 19.75 -16.31 -7.11
C ASP A 40 18.38 -16.47 -6.46
N SER A 41 17.37 -15.85 -7.08
CA SER A 41 16.01 -15.94 -6.58
C SER A 41 15.28 -16.98 -7.43
N ILE A 42 14.23 -17.56 -6.84
CA ILE A 42 13.36 -18.49 -7.54
C ILE A 42 12.36 -17.72 -8.39
N GLY A 43 12.49 -16.38 -8.46
CA GLY A 43 11.64 -15.56 -9.30
C GLY A 43 12.38 -14.85 -10.44
N GLN A 44 13.47 -15.50 -10.96
CA GLN A 44 14.37 -14.91 -11.96
C GLN A 44 14.94 -15.96 -12.93
N HIS A 45 14.72 -15.67 -14.23
CA HIS A 45 15.00 -16.52 -15.38
C HIS A 45 15.40 -15.62 -16.56
N PHE A 46 16.68 -15.60 -16.96
CA PHE A 46 17.19 -14.67 -17.97
C PHE A 46 16.67 -15.00 -19.37
N LEU A 47 16.32 -13.95 -20.13
CA LEU A 47 16.03 -14.09 -21.55
C LEU A 47 17.33 -14.33 -22.32
N ILE A 48 17.35 -15.35 -23.17
CA ILE A 48 18.60 -15.85 -23.74
C ILE A 48 18.47 -16.12 -25.23
N ILE A 49 17.65 -15.32 -25.94
CA ILE A 49 17.45 -15.49 -27.38
C ILE A 49 17.33 -14.12 -28.03
N GLU A 50 18.02 -13.98 -29.19
CA GLU A 50 18.36 -12.67 -29.71
C GLU A 50 17.17 -12.05 -30.46
N ASP A 51 16.38 -12.86 -31.18
CA ASP A 51 15.37 -12.29 -32.05
C ASP A 51 14.05 -12.07 -31.30
N VAL A 52 13.98 -12.54 -30.05
CA VAL A 52 12.94 -12.18 -29.10
C VAL A 52 13.28 -10.79 -28.53
N ILE A 53 14.58 -10.60 -28.22
CA ILE A 53 15.14 -9.30 -27.88
C ILE A 53 14.94 -8.34 -29.06
N GLU A 54 15.21 -8.79 -30.29
CA GLU A 54 15.18 -7.92 -31.45
C GLU A 54 13.72 -7.54 -31.70
N LYS A 55 12.83 -8.53 -31.63
CA LYS A 55 11.40 -8.33 -31.85
C LYS A 55 10.80 -7.49 -30.71
N ALA A 56 11.37 -7.55 -29.51
CA ALA A 56 10.92 -6.69 -28.42
C ALA A 56 11.27 -5.23 -28.74
N ILE A 57 12.45 -5.01 -29.32
CA ILE A 57 12.91 -3.67 -29.67
C ILE A 57 12.10 -3.17 -30.86
N GLU A 58 11.92 -4.03 -31.88
CA GLU A 58 11.23 -3.64 -33.10
C GLU A 58 9.78 -3.25 -32.77
N THR A 59 9.18 -3.95 -31.80
CA THR A 59 7.83 -3.65 -31.36
C THR A 59 7.78 -2.26 -30.71
N ALA A 60 8.88 -1.85 -30.05
CA ALA A 60 8.94 -0.59 -29.32
C ALA A 60 9.30 0.62 -30.22
N ASN A 61 9.96 0.34 -31.35
CA ASN A 61 10.42 1.36 -32.30
C ASN A 61 11.41 2.27 -31.62
N VAL A 62 12.43 1.66 -30.98
CA VAL A 62 13.51 2.39 -30.31
C VAL A 62 14.35 3.09 -31.37
N ASN A 63 14.46 4.42 -31.25
CA ASN A 63 15.22 5.26 -32.17
C ASN A 63 16.26 6.03 -31.36
N GLU A 64 17.06 6.81 -32.11
CA GLU A 64 18.19 7.56 -31.56
C GLU A 64 17.73 8.62 -30.55
N ASN A 65 16.41 8.89 -30.47
CA ASN A 65 15.89 9.99 -29.67
C ASN A 65 15.37 9.49 -28.33
N ASP A 66 15.15 8.18 -28.20
CA ASP A 66 14.31 7.65 -27.13
C ASP A 66 15.11 7.59 -25.83
N VAL A 67 14.41 7.49 -24.70
CA VAL A 67 15.02 7.32 -23.39
C VAL A 67 14.31 6.16 -22.68
N ILE A 68 15.07 5.07 -22.46
CA ILE A 68 14.55 3.73 -22.20
C ILE A 68 14.63 3.41 -20.71
N LEU A 69 13.71 2.53 -20.25
CA LEU A 69 13.71 1.96 -18.91
C LEU A 69 13.62 0.44 -18.98
N GLU A 70 14.76 -0.23 -18.83
CA GLU A 70 14.80 -1.67 -18.62
C GLU A 70 14.76 -1.93 -17.11
N VAL A 71 14.12 -3.04 -16.69
CA VAL A 71 14.19 -3.53 -15.32
C VAL A 71 14.89 -4.87 -15.41
N GLY A 72 15.70 -5.19 -14.41
CA GLY A 72 16.40 -6.47 -14.39
C GLY A 72 17.27 -6.87 -15.55
N PRO A 73 18.27 -6.04 -15.93
CA PRO A 73 19.15 -6.30 -17.09
C PRO A 73 19.77 -7.69 -17.17
N GLY A 74 19.93 -8.33 -16.01
CA GLY A 74 20.49 -9.67 -15.98
C GLY A 74 21.96 -9.60 -16.33
N LEU A 75 22.32 -10.09 -17.52
CA LEU A 75 23.71 -10.14 -17.94
C LEU A 75 23.96 -9.18 -19.11
N GLY A 76 23.04 -8.24 -19.31
CA GLY A 76 23.29 -7.12 -20.19
C GLY A 76 22.90 -7.40 -21.64
N PHE A 77 22.26 -8.56 -21.88
CA PHE A 77 22.04 -9.02 -23.23
C PHE A 77 21.07 -8.09 -23.96
N LEU A 78 19.94 -7.73 -23.31
CA LEU A 78 18.95 -6.83 -23.89
C LEU A 78 19.38 -5.38 -23.73
N THR A 79 20.22 -5.09 -22.72
CA THR A 79 20.72 -3.73 -22.47
C THR A 79 21.64 -3.30 -23.61
N ASP A 80 22.42 -4.27 -24.13
CA ASP A 80 23.34 -4.06 -25.24
C ASP A 80 22.58 -3.47 -26.42
N GLU A 81 21.51 -4.18 -26.83
CA GLU A 81 20.79 -3.87 -28.05
C GLU A 81 19.95 -2.59 -27.92
N LEU A 82 19.51 -2.27 -26.69
CA LEU A 82 18.84 -1.01 -26.38
C LEU A 82 19.87 0.13 -26.45
N ALA A 83 21.06 -0.12 -25.88
CA ALA A 83 22.09 0.87 -25.75
C ALA A 83 22.63 1.31 -27.10
N LYS A 84 22.60 0.41 -28.09
CA LYS A 84 23.18 0.69 -29.39
C LYS A 84 22.15 1.31 -30.34
N ARG A 85 20.92 1.55 -29.84
CA ARG A 85 19.82 2.01 -30.67
C ARG A 85 19.22 3.32 -30.16
N ALA A 86 19.37 3.61 -28.86
CA ALA A 86 18.73 4.78 -28.26
C ALA A 86 19.77 5.81 -27.82
N LYS A 87 19.27 6.99 -27.46
CA LYS A 87 20.09 8.03 -26.87
C LYS A 87 20.52 7.61 -25.47
N LYS A 88 19.54 7.28 -24.62
CA LYS A 88 19.77 7.03 -23.20
C LYS A 88 19.00 5.78 -22.77
N VAL A 89 19.58 5.06 -21.81
CA VAL A 89 18.96 3.89 -21.21
C VAL A 89 19.26 3.89 -19.71
N TYR A 90 18.19 3.93 -18.91
CA TYR A 90 18.28 3.65 -17.47
C TYR A 90 17.89 2.19 -17.27
N THR A 91 18.50 1.54 -16.28
CA THR A 91 18.35 0.10 -16.11
C THR A 91 18.62 -0.23 -14.65
N ILE A 92 17.72 -0.98 -14.01
CA ILE A 92 17.76 -1.22 -12.57
C ILE A 92 18.11 -2.69 -12.32
N GLU A 93 19.13 -2.97 -11.49
CA GLU A 93 19.26 -4.26 -10.80
C GLU A 93 19.59 -3.97 -9.33
N ILE A 94 19.30 -4.97 -8.48
CA ILE A 94 19.29 -4.92 -7.02
C ILE A 94 20.54 -5.64 -6.46
N ASP A 95 21.08 -6.62 -7.21
CA ASP A 95 22.29 -7.35 -6.85
C ASP A 95 23.50 -6.50 -7.27
N GLN A 96 24.40 -6.25 -6.30
CA GLN A 96 25.53 -5.37 -6.53
C GLN A 96 26.56 -6.03 -7.45
N LYS A 97 26.61 -7.38 -7.45
CA LYS A 97 27.56 -8.08 -8.30
C LYS A 97 27.09 -8.02 -9.75
N ILE A 98 25.79 -8.01 -9.99
CA ILE A 98 25.30 -7.95 -11.37
C ILE A 98 25.82 -6.67 -12.00
N ILE A 99 25.68 -5.56 -11.28
CA ILE A 99 26.19 -4.27 -11.75
C ILE A 99 27.66 -4.41 -12.12
N GLU A 100 28.47 -4.92 -11.16
CA GLU A 100 29.90 -5.11 -11.35
C GLU A 100 30.21 -5.86 -12.65
N ILE A 101 29.26 -6.69 -13.11
CA ILE A 101 29.48 -7.54 -14.26
C ILE A 101 29.00 -6.85 -15.54
N LEU A 102 28.03 -5.93 -15.40
CA LEU A 102 27.55 -5.12 -16.51
C LEU A 102 28.54 -4.00 -16.83
N LYS A 103 29.36 -3.65 -15.83
CA LYS A 103 30.34 -2.59 -15.96
C LYS A 103 31.64 -3.14 -16.51
N LYS A 104 32.01 -4.35 -16.10
CA LYS A 104 33.26 -4.94 -16.54
C LYS A 104 33.11 -5.45 -17.97
N GLU A 105 32.03 -6.17 -18.24
CA GLU A 105 31.95 -6.91 -19.48
C GLU A 105 31.48 -6.02 -20.63
N TYR A 106 31.08 -4.77 -20.34
CA TYR A 106 30.51 -3.88 -21.35
C TYR A 106 31.20 -2.51 -21.34
N SER A 107 31.00 -1.77 -22.44
CA SER A 107 31.71 -0.53 -22.70
C SER A 107 30.74 0.57 -23.17
N TRP A 108 29.65 0.79 -22.42
CA TRP A 108 28.55 1.64 -22.86
C TRP A 108 28.83 3.10 -22.53
N ASN A 109 28.45 3.97 -23.46
CA ASN A 109 28.52 5.41 -23.27
C ASN A 109 27.21 5.95 -22.69
N ASN A 110 26.08 5.31 -23.02
CA ASN A 110 24.78 5.92 -22.79
C ASN A 110 23.97 5.18 -21.72
N VAL A 111 24.39 3.98 -21.31
CA VAL A 111 23.62 3.23 -20.33
C VAL A 111 23.88 3.79 -18.94
N LYS A 112 22.82 3.91 -18.12
CA LYS A 112 22.92 4.37 -16.75
C LYS A 112 22.40 3.29 -15.80
N ILE A 113 23.33 2.57 -15.16
CA ILE A 113 22.99 1.53 -14.21
C ILE A 113 22.44 2.18 -12.93
N ILE A 114 21.31 1.68 -12.44
CA ILE A 114 20.76 2.08 -11.15
C ILE A 114 20.67 0.83 -10.27
N GLN A 115 21.22 0.91 -9.05
CA GLN A 115 21.07 -0.15 -8.08
C GLN A 115 19.77 0.09 -7.33
N GLY A 116 18.91 -0.94 -7.26
CA GLY A 116 17.79 -0.94 -6.34
C GLY A 116 16.71 -1.97 -6.68
N ALA A 117 15.77 -2.13 -5.73
CA ALA A 117 14.48 -2.72 -6.00
C ALA A 117 13.67 -1.69 -6.75
N ALA A 118 13.45 -1.93 -8.06
CA ALA A 118 12.83 -0.99 -8.99
C ALA A 118 11.42 -0.55 -8.58
N VAL A 119 10.78 -1.25 -7.63
CA VAL A 119 9.45 -0.85 -7.19
C VAL A 119 9.56 0.29 -6.18
N ARG A 120 10.67 0.33 -5.44
CA ARG A 120 10.84 1.26 -4.33
C ARG A 120 11.61 2.51 -4.81
N VAL A 121 12.64 2.32 -5.66
CA VAL A 121 13.47 3.42 -6.13
C VAL A 121 12.59 4.35 -6.97
N GLU A 122 13.01 5.64 -7.05
CA GLU A 122 12.36 6.66 -7.85
C GLU A 122 12.87 6.58 -9.29
N TRP A 123 11.94 6.54 -10.25
CA TRP A 123 12.26 6.28 -11.65
C TRP A 123 12.67 7.56 -12.37
N PRO A 124 13.45 7.50 -13.47
CA PRO A 124 13.76 8.68 -14.28
C PRO A 124 12.61 9.06 -15.19
N LYS A 125 12.79 10.13 -15.97
CA LYS A 125 12.00 10.30 -17.20
C LYS A 125 12.49 9.27 -18.22
N PHE A 126 11.55 8.81 -19.03
CA PHE A 126 11.79 7.86 -20.12
C PHE A 126 10.57 7.95 -21.03
N ASN A 127 10.75 7.82 -22.34
CA ASN A 127 9.57 7.86 -23.20
C ASN A 127 9.11 6.43 -23.45
N LYS A 128 9.98 5.46 -23.16
CA LYS A 128 9.69 4.08 -23.47
C LYS A 128 10.24 3.16 -22.40
N VAL A 129 9.78 1.91 -22.46
CA VAL A 129 10.23 0.81 -21.63
C VAL A 129 10.43 -0.37 -22.57
N VAL A 130 11.51 -1.14 -22.35
CA VAL A 130 11.74 -2.40 -23.04
C VAL A 130 12.40 -3.32 -22.03
N SER A 131 11.63 -4.25 -21.46
CA SER A 131 12.10 -4.94 -20.29
C SER A 131 11.66 -6.41 -20.28
N ASN A 132 12.34 -7.21 -19.45
CA ASN A 132 11.86 -8.53 -19.05
C ASN A 132 11.52 -8.45 -17.57
N ILE A 133 10.22 -8.32 -17.28
CA ILE A 133 9.70 -8.14 -15.93
C ILE A 133 9.88 -9.42 -15.12
N PRO A 134 10.78 -9.45 -14.11
CA PRO A 134 10.90 -10.61 -13.22
C PRO A 134 9.59 -10.74 -12.44
N TYR A 135 9.20 -11.99 -12.20
CA TYR A 135 7.79 -12.29 -11.97
C TYR A 135 7.47 -11.88 -10.54
N LYS A 136 8.48 -11.97 -9.66
CA LYS A 136 8.32 -11.56 -8.27
C LYS A 136 7.75 -10.15 -8.17
N ILE A 137 7.87 -9.33 -9.23
CA ILE A 137 7.44 -7.95 -9.13
C ILE A 137 6.56 -7.60 -10.32
N SER A 138 5.90 -8.57 -10.94
CA SER A 138 5.11 -8.25 -12.11
C SER A 138 3.97 -7.27 -11.78
N SER A 139 3.35 -7.42 -10.60
CA SER A 139 2.16 -6.65 -10.24
C SER A 139 2.50 -5.31 -9.57
N PRO A 140 3.40 -5.22 -8.56
CA PRO A 140 3.79 -3.91 -8.04
C PRO A 140 4.26 -3.03 -9.19
N PHE A 141 5.21 -3.54 -9.97
CA PHE A 141 5.79 -2.83 -11.09
C PHE A 141 4.68 -2.27 -11.97
N THR A 142 3.85 -3.16 -12.54
CA THR A 142 2.90 -2.75 -13.56
C THR A 142 2.02 -1.60 -13.03
N PHE A 143 1.67 -1.64 -11.74
CA PHE A 143 0.80 -0.62 -11.15
C PHE A 143 1.45 0.76 -11.27
N LYS A 144 2.72 0.83 -10.86
CA LYS A 144 3.54 2.02 -10.93
C LYS A 144 3.61 2.55 -12.37
N LEU A 145 3.78 1.62 -13.32
CA LEU A 145 4.07 1.94 -14.71
C LEU A 145 2.86 2.62 -15.34
N LEU A 146 1.68 1.99 -15.15
CA LEU A 146 0.43 2.48 -15.70
C LEU A 146 0.12 3.90 -15.24
N LYS A 147 0.84 4.40 -14.21
CA LYS A 147 0.59 5.72 -13.64
C LYS A 147 1.80 6.61 -13.89
N THR A 148 2.16 6.79 -15.17
CA THR A 148 3.41 7.42 -15.58
C THR A 148 3.26 8.00 -16.99
N ASP A 149 4.09 9.00 -17.31
CA ASP A 149 4.22 9.47 -18.68
C ASP A 149 5.26 8.62 -19.41
N PHE A 150 4.71 7.76 -20.30
CA PHE A 150 5.45 6.96 -21.28
C PHE A 150 4.56 6.83 -22.51
N GLU A 151 5.15 6.93 -23.71
CA GLU A 151 4.32 6.76 -24.89
C GLU A 151 4.19 5.26 -25.22
N ARG A 152 5.13 4.41 -24.79
CA ARG A 152 5.09 3.01 -25.15
C ARG A 152 5.92 2.16 -24.17
N ALA A 153 5.39 0.98 -23.81
CA ALA A 153 6.12 0.01 -23.01
C ALA A 153 5.96 -1.39 -23.58
N VAL A 154 7.09 -2.10 -23.75
CA VAL A 154 7.10 -3.44 -24.31
C VAL A 154 7.73 -4.42 -23.29
N VAL A 155 6.86 -5.06 -22.49
CA VAL A 155 7.24 -5.81 -21.28
C VAL A 155 6.93 -7.28 -21.48
N MET A 156 7.72 -8.13 -20.81
CA MET A 156 7.65 -9.59 -20.93
C MET A 156 7.29 -10.20 -19.57
N TYR A 157 5.98 -10.33 -19.35
CA TYR A 157 5.43 -11.04 -18.21
C TYR A 157 5.33 -12.54 -18.51
N GLN A 158 4.77 -13.32 -17.57
CA GLN A 158 4.29 -14.67 -17.84
C GLN A 158 2.94 -14.64 -18.55
N LEU A 159 2.57 -15.75 -19.19
CA LEU A 159 1.35 -15.78 -19.99
C LEU A 159 0.13 -15.56 -19.11
N GLU A 160 0.12 -16.15 -17.91
CA GLU A 160 -1.03 -16.00 -17.00
C GLU A 160 -1.22 -14.52 -16.60
N PHE A 161 -0.14 -13.88 -16.12
CA PHE A 161 -0.19 -12.47 -15.72
C PHE A 161 -0.69 -11.60 -16.88
N ALA A 162 -0.13 -11.82 -18.07
CA ALA A 162 -0.49 -11.06 -19.26
C ALA A 162 -1.98 -11.23 -19.57
N LEU A 163 -2.51 -12.44 -19.32
CA LEU A 163 -3.90 -12.75 -19.61
C LEU A 163 -4.80 -12.07 -18.56
N ARG A 164 -4.31 -11.97 -17.31
CA ARG A 164 -5.03 -11.26 -16.25
C ARG A 164 -5.12 -9.78 -16.57
N MET A 165 -4.11 -9.28 -17.28
CA MET A 165 -4.08 -7.87 -17.65
C MET A 165 -5.14 -7.58 -18.70
N VAL A 166 -5.45 -8.57 -19.55
CA VAL A 166 -6.33 -8.34 -20.70
C VAL A 166 -7.69 -9.01 -20.47
N ALA A 167 -7.97 -9.48 -19.26
CA ALA A 167 -9.25 -10.12 -18.98
C ALA A 167 -10.35 -9.06 -19.02
N LYS A 168 -11.55 -9.48 -19.45
CA LYS A 168 -12.67 -8.59 -19.73
C LYS A 168 -13.55 -8.55 -18.48
N PRO A 169 -14.16 -7.40 -18.11
CA PRO A 169 -15.02 -7.35 -16.92
C PRO A 169 -16.17 -8.36 -17.01
N GLY A 170 -16.45 -9.00 -15.86
CA GLY A 170 -17.41 -10.10 -15.81
C GLY A 170 -16.73 -11.45 -15.83
N SER A 171 -15.62 -11.56 -16.59
CA SER A 171 -14.88 -12.81 -16.78
C SER A 171 -14.18 -13.19 -15.48
N ARG A 172 -14.03 -14.51 -15.30
CA ARG A 172 -13.63 -15.08 -14.01
C ARG A 172 -12.47 -14.28 -13.41
N ASN A 173 -11.39 -14.13 -14.19
CA ASN A 173 -10.06 -13.80 -13.69
C ASN A 173 -9.81 -12.30 -13.72
N TYR A 174 -10.90 -11.51 -13.70
CA TYR A 174 -10.81 -10.06 -13.65
C TYR A 174 -10.46 -9.62 -12.23
N SER A 175 -9.50 -8.70 -12.11
CA SER A 175 -8.84 -8.40 -10.84
C SER A 175 -8.63 -6.88 -10.70
N ARG A 176 -7.95 -6.47 -9.62
CA ARG A 176 -7.56 -5.08 -9.42
C ARG A 176 -6.66 -4.59 -10.56
N LEU A 177 -5.85 -5.52 -11.08
CA LEU A 177 -4.93 -5.26 -12.18
C LEU A 177 -5.70 -4.98 -13.46
N SER A 178 -6.58 -5.92 -13.87
CA SER A 178 -7.29 -5.85 -15.13
C SER A 178 -8.08 -4.55 -15.25
N LEU A 179 -8.62 -4.08 -14.12
CA LEU A 179 -9.39 -2.84 -14.07
C LEU A 179 -8.48 -1.67 -14.43
N MET A 180 -7.38 -1.53 -13.68
CA MET A 180 -6.51 -0.38 -13.79
C MET A 180 -5.73 -0.44 -15.10
N ALA A 181 -5.58 -1.65 -15.66
CA ALA A 181 -4.94 -1.88 -16.95
C ALA A 181 -5.86 -1.48 -18.10
N GLN A 182 -7.16 -1.43 -17.79
CA GLN A 182 -8.18 -1.02 -18.74
C GLN A 182 -8.45 0.47 -18.55
N ALA A 183 -8.67 0.88 -17.30
CA ALA A 183 -8.87 2.29 -16.99
C ALA A 183 -7.78 3.15 -17.65
N LEU A 184 -6.53 2.68 -17.65
CA LEU A 184 -5.40 3.56 -17.86
C LEU A 184 -4.51 3.15 -19.04
N GLY A 185 -4.83 2.09 -19.79
CA GLY A 185 -3.92 1.67 -20.84
C GLY A 185 -4.59 0.78 -21.87
N ASN A 186 -3.94 0.67 -23.04
CA ASN A 186 -4.31 -0.31 -24.05
C ASN A 186 -3.23 -1.40 -24.03
N VAL A 187 -3.65 -2.66 -24.20
CA VAL A 187 -2.78 -3.78 -23.93
C VAL A 187 -2.92 -4.84 -25.02
N GLU A 188 -2.05 -4.79 -26.05
CA GLU A 188 -1.81 -5.89 -26.99
C GLU A 188 -1.12 -6.98 -26.16
N ILE A 189 -1.48 -8.26 -26.36
CA ILE A 189 -0.50 -9.33 -26.21
C ILE A 189 0.05 -9.59 -27.61
N VAL A 190 1.33 -9.28 -27.81
CA VAL A 190 1.93 -9.19 -29.12
C VAL A 190 2.17 -10.60 -29.65
N MET A 191 2.64 -11.47 -28.76
CA MET A 191 2.90 -12.87 -29.06
C MET A 191 3.24 -13.61 -27.78
N LYS A 192 3.09 -14.93 -27.84
CA LYS A 192 3.51 -15.81 -26.75
C LYS A 192 5.01 -15.98 -26.89
N ILE A 193 5.69 -16.27 -25.78
CA ILE A 193 7.14 -16.45 -25.78
C ILE A 193 7.46 -17.78 -25.12
N GLY A 194 7.99 -18.70 -25.94
CA GLY A 194 8.36 -20.03 -25.47
C GLY A 194 9.21 -19.97 -24.19
N LYS A 195 8.88 -20.85 -23.25
CA LYS A 195 9.70 -21.08 -22.07
C LYS A 195 11.14 -21.44 -22.47
N GLY A 196 11.35 -21.80 -23.75
CA GLY A 196 12.66 -22.17 -24.26
C GLY A 196 13.61 -20.97 -24.33
N ALA A 197 13.06 -19.75 -24.44
CA ALA A 197 13.86 -18.55 -24.62
C ALA A 197 14.42 -18.00 -23.30
N PHE A 198 14.39 -18.81 -22.22
CA PHE A 198 14.89 -18.38 -20.93
C PHE A 198 15.77 -19.47 -20.31
N TYR A 199 16.49 -19.07 -19.25
CA TYR A 199 17.30 -19.95 -18.40
C TYR A 199 17.25 -19.44 -16.95
N PRO A 200 17.00 -20.31 -15.94
CA PRO A 200 16.62 -21.69 -16.20
C PRO A 200 15.27 -21.69 -16.93
N ARG A 201 15.00 -22.73 -17.73
CA ARG A 201 13.70 -22.91 -18.35
C ARG A 201 12.63 -22.64 -17.28
N PRO A 202 11.62 -21.78 -17.53
CA PRO A 202 10.53 -21.59 -16.59
C PRO A 202 9.58 -22.77 -16.70
N LYS A 203 8.72 -22.94 -15.69
CA LYS A 203 7.76 -24.03 -15.71
C LYS A 203 6.68 -23.73 -16.77
N VAL A 204 6.49 -22.44 -17.08
CA VAL A 204 5.36 -22.00 -17.91
C VAL A 204 5.84 -21.00 -18.96
N ASP A 205 4.93 -20.67 -19.89
CA ASP A 205 5.22 -19.77 -20.99
C ASP A 205 5.21 -18.33 -20.50
N SER A 206 5.66 -17.42 -21.37
CA SER A 206 5.60 -16.00 -21.13
C SER A 206 4.79 -15.36 -22.26
N ALA A 207 4.65 -14.02 -22.20
CA ALA A 207 4.00 -13.27 -23.27
C ALA A 207 4.65 -11.89 -23.41
N LEU A 208 4.59 -11.35 -24.62
CA LEU A 208 5.06 -10.01 -24.91
C LEU A 208 3.85 -9.08 -24.89
N VAL A 209 3.99 -7.96 -24.17
CA VAL A 209 2.87 -7.07 -23.91
C VAL A 209 3.26 -5.65 -24.32
N LEU A 210 2.47 -5.08 -25.23
CA LEU A 210 2.55 -3.67 -25.56
C LEU A 210 1.61 -2.89 -24.65
N ILE A 211 2.09 -1.75 -24.13
CA ILE A 211 1.25 -0.85 -23.34
C ILE A 211 1.46 0.58 -23.85
N GLU A 212 0.53 1.04 -24.68
CA GLU A 212 0.31 2.47 -24.89
C GLU A 212 -0.63 2.93 -23.77
N PRO A 213 -0.43 4.14 -23.17
CA PRO A 213 -1.29 4.65 -22.12
C PRO A 213 -2.54 5.25 -22.74
N ARG A 214 -3.67 5.18 -22.04
CA ARG A 214 -4.96 5.52 -22.60
C ARG A 214 -5.03 7.04 -22.80
N LYS A 215 -5.73 7.42 -23.89
CA LYS A 215 -5.98 8.82 -24.27
C LYS A 215 -6.82 9.51 -23.17
N ASP A 216 -7.83 8.74 -22.70
CA ASP A 216 -8.87 9.20 -21.80
C ASP A 216 -8.78 8.38 -20.50
N LYS A 217 -7.59 8.38 -19.88
CA LYS A 217 -7.33 7.63 -18.66
C LYS A 217 -8.48 7.83 -17.70
N ILE A 218 -9.11 6.73 -17.22
CA ILE A 218 -10.12 6.86 -16.18
C ILE A 218 -9.41 6.78 -14.83
N VAL A 219 -9.35 7.95 -14.17
CA VAL A 219 -8.64 8.13 -12.93
C VAL A 219 -9.58 7.71 -11.81
N LEU A 220 -9.11 6.76 -10.99
CA LEU A 220 -9.89 6.14 -9.93
C LEU A 220 -9.22 6.37 -8.57
N ASN A 221 -10.01 6.27 -7.49
CA ASN A 221 -9.49 6.28 -6.13
C ASN A 221 -8.93 4.90 -5.77
N GLU A 222 -7.69 4.86 -5.26
CA GLU A 222 -6.95 3.63 -5.02
C GLU A 222 -7.57 2.83 -3.87
N ASN A 223 -7.88 3.54 -2.77
CA ASN A 223 -8.34 2.94 -1.53
C ASN A 223 -9.71 2.31 -1.74
N LEU A 224 -10.52 2.93 -2.61
CA LEU A 224 -11.82 2.42 -3.01
C LEU A 224 -11.64 1.10 -3.75
N VAL A 225 -10.73 1.09 -4.74
CA VAL A 225 -10.55 0.00 -5.69
C VAL A 225 -10.04 -1.27 -4.99
N LYS A 226 -9.08 -1.09 -4.06
CA LYS A 226 -8.57 -2.17 -3.24
C LYS A 226 -9.69 -2.75 -2.38
N ALA A 227 -10.46 -1.83 -1.74
CA ALA A 227 -11.55 -2.18 -0.85
C ALA A 227 -12.57 -3.03 -1.60
N LEU A 228 -13.00 -2.55 -2.77
CA LEU A 228 -13.91 -3.28 -3.64
C LEU A 228 -13.29 -4.64 -3.99
N PHE A 229 -12.00 -4.63 -4.38
CA PHE A 229 -11.33 -5.80 -4.92
C PHE A 229 -10.67 -6.68 -3.85
N GLN A 230 -10.67 -6.27 -2.56
CA GLN A 230 -10.27 -7.15 -1.45
C GLN A 230 -11.04 -8.47 -1.54
N HIS A 231 -12.35 -8.40 -1.78
CA HIS A 231 -13.16 -9.59 -2.03
C HIS A 231 -14.09 -9.34 -3.21
N ARG A 232 -13.58 -9.70 -4.38
CA ARG A 232 -14.10 -9.21 -5.65
C ARG A 232 -15.31 -10.05 -6.06
N ARG A 233 -15.58 -11.12 -5.30
CA ARG A 233 -16.74 -11.96 -5.56
C ARG A 233 -17.98 -11.36 -4.90
N LYS A 234 -17.81 -10.36 -4.01
CA LYS A 234 -18.91 -9.75 -3.27
C LYS A 234 -19.64 -8.71 -4.11
N THR A 235 -20.95 -8.56 -3.85
CA THR A 235 -21.71 -7.46 -4.41
C THR A 235 -21.15 -6.16 -3.84
N VAL A 236 -21.39 -5.03 -4.52
CA VAL A 236 -20.69 -3.81 -4.18
C VAL A 236 -21.22 -3.27 -2.85
N PRO A 237 -22.49 -3.52 -2.43
CA PRO A 237 -22.90 -3.18 -1.06
C PRO A 237 -22.09 -3.95 -0.02
N ARG A 238 -22.05 -5.29 -0.18
CA ARG A 238 -21.34 -6.19 0.72
C ARG A 238 -19.84 -5.87 0.73
N ALA A 239 -19.30 -5.50 -0.44
CA ALA A 239 -17.90 -5.17 -0.61
C ALA A 239 -17.56 -3.85 0.08
N LEU A 240 -18.50 -2.89 0.01
CA LEU A 240 -18.33 -1.59 0.65
C LEU A 240 -18.67 -1.72 2.14
N LYS A 241 -19.63 -2.57 2.49
CA LYS A 241 -20.10 -2.67 3.86
C LYS A 241 -19.03 -3.30 4.75
N ASP A 242 -18.36 -4.35 4.23
CA ASP A 242 -17.41 -5.16 4.96
C ASP A 242 -16.08 -4.41 5.12
N SER A 243 -15.75 -3.52 4.18
CA SER A 243 -14.45 -2.85 4.17
C SER A 243 -14.31 -1.76 5.24
N ILE A 244 -15.42 -1.11 5.60
CA ILE A 244 -15.38 0.18 6.27
C ILE A 244 -15.56 0.02 7.78
N HIS A 245 -16.18 -1.08 8.25
CA HIS A 245 -16.04 -1.49 9.64
C HIS A 245 -14.55 -1.71 9.91
N MET A 246 -13.79 -2.10 8.87
CA MET A 246 -12.38 -2.39 9.03
C MET A 246 -11.62 -1.09 9.20
N LEU A 247 -11.91 -0.10 8.36
CA LEU A 247 -11.25 1.20 8.42
C LEU A 247 -11.25 1.77 9.83
N GLY A 248 -12.34 1.56 10.59
CA GLY A 248 -12.55 2.17 11.89
C GLY A 248 -13.89 2.87 11.99
N VAL A 249 -14.60 2.90 10.86
CA VAL A 249 -15.86 3.62 10.65
C VAL A 249 -17.01 2.76 11.15
N SER A 250 -17.93 3.40 11.88
CA SER A 250 -19.15 2.76 12.34
C SER A 250 -19.99 2.35 11.13
N LYS A 251 -20.61 1.16 11.22
CA LYS A 251 -21.47 0.60 10.19
C LYS A 251 -22.81 1.33 10.21
N ASP A 252 -23.19 1.81 11.40
CA ASP A 252 -24.45 2.49 11.61
C ASP A 252 -24.43 3.84 10.90
N GLU A 253 -23.23 4.47 10.81
CA GLU A 253 -23.04 5.79 10.20
C GLU A 253 -23.17 5.68 8.68
N ILE A 254 -23.29 4.45 8.15
CA ILE A 254 -23.00 4.21 6.75
C ILE A 254 -24.01 3.27 6.07
N ARG A 255 -24.94 2.70 6.86
CA ARG A 255 -25.95 1.78 6.34
C ARG A 255 -26.71 2.42 5.19
N GLY A 256 -27.32 3.58 5.48
CA GLY A 256 -28.20 4.25 4.54
C GLY A 256 -27.46 4.66 3.27
N ILE A 257 -26.26 5.24 3.45
CA ILE A 257 -25.59 5.95 2.36
C ILE A 257 -25.26 4.96 1.24
N ILE A 258 -24.71 3.80 1.59
CA ILE A 258 -24.20 2.87 0.60
C ILE A 258 -25.38 2.26 -0.17
N ASN A 259 -26.56 2.22 0.47
CA ASN A 259 -27.67 1.44 -0.07
C ASN A 259 -28.45 2.22 -1.12
N ASN A 260 -27.87 3.30 -1.65
CA ASN A 260 -28.31 3.87 -2.93
C ASN A 260 -27.13 3.96 -3.90
N VAL A 261 -26.12 3.11 -3.67
CA VAL A 261 -24.90 3.15 -4.45
C VAL A 261 -25.22 2.64 -5.86
N PRO A 262 -24.71 3.32 -6.94
CA PRO A 262 -24.92 2.83 -8.31
C PRO A 262 -24.37 1.43 -8.54
N HIS A 263 -25.05 0.69 -9.43
CA HIS A 263 -24.74 -0.71 -9.71
C HIS A 263 -24.50 -1.46 -8.40
N SER A 264 -25.43 -1.36 -7.44
CA SER A 264 -25.39 -2.19 -6.25
C SER A 264 -25.64 -3.66 -6.64
N ASN A 265 -26.11 -3.88 -7.87
CA ASN A 265 -26.47 -5.21 -8.35
C ASN A 265 -25.23 -5.99 -8.76
N LYS A 266 -24.18 -5.28 -9.20
CA LYS A 266 -22.99 -5.95 -9.68
C LYS A 266 -22.20 -6.50 -8.49
N ARG A 267 -21.48 -7.59 -8.78
CA ARG A 267 -20.30 -8.00 -8.04
C ARG A 267 -19.12 -7.18 -8.55
N VAL A 268 -18.00 -7.23 -7.83
CA VAL A 268 -16.92 -6.29 -8.10
C VAL A 268 -16.15 -6.72 -9.34
N PHE A 269 -16.14 -8.03 -9.64
CA PHE A 269 -15.42 -8.56 -10.80
C PHE A 269 -16.16 -8.29 -12.11
N GLN A 270 -17.25 -7.51 -12.04
CA GLN A 270 -18.10 -7.20 -13.18
C GLN A 270 -18.08 -5.70 -13.44
N LEU A 271 -17.20 -4.97 -12.76
CA LEU A 271 -17.22 -3.52 -12.81
C LEU A 271 -16.32 -3.00 -13.94
N TYR A 272 -16.86 -2.05 -14.73
CA TYR A 272 -16.07 -1.24 -15.66
C TYR A 272 -15.47 -0.06 -14.88
N PRO A 273 -14.34 0.50 -15.36
CA PRO A 273 -13.75 1.68 -14.73
C PRO A 273 -14.72 2.86 -14.70
N GLU A 274 -15.60 2.88 -15.71
CA GLU A 274 -16.71 3.82 -15.81
C GLU A 274 -17.65 3.64 -14.61
N GLU A 275 -17.76 2.41 -14.10
CA GLU A 275 -18.73 2.08 -13.07
C GLU A 275 -18.11 2.24 -11.67
N VAL A 276 -16.78 2.15 -11.57
CA VAL A 276 -16.09 2.40 -10.31
C VAL A 276 -16.04 3.91 -10.08
N LYS A 277 -15.97 4.69 -11.16
CA LYS A 277 -15.91 6.14 -11.04
C LYS A 277 -17.23 6.68 -10.52
N ASP A 278 -18.33 6.06 -10.97
CA ASP A 278 -19.67 6.43 -10.55
C ASP A 278 -19.81 6.20 -9.05
N ILE A 279 -19.27 5.06 -8.58
CA ILE A 279 -19.23 4.75 -7.16
C ILE A 279 -18.32 5.75 -6.43
N GLU A 280 -17.24 6.20 -7.11
CA GLU A 280 -16.31 7.15 -6.51
C GLU A 280 -17.04 8.45 -6.19
N GLU A 281 -17.60 9.08 -7.23
CA GLU A 281 -18.17 10.42 -7.12
C GLU A 281 -19.32 10.41 -6.12
N TYR A 282 -19.93 9.23 -5.94
CA TYR A 282 -21.09 9.04 -5.08
C TYR A 282 -20.68 9.04 -3.61
N LEU A 283 -19.69 8.20 -3.28
CA LEU A 283 -19.16 8.09 -1.93
C LEU A 283 -18.50 9.40 -1.51
N LYS A 284 -17.86 10.09 -2.48
CA LYS A 284 -17.17 11.34 -2.20
C LYS A 284 -18.21 12.43 -1.93
N LYS A 285 -19.20 12.54 -2.83
CA LYS A 285 -20.35 13.40 -2.63
C LYS A 285 -21.00 13.12 -1.28
N HIS A 286 -21.45 11.87 -1.08
CA HIS A 286 -22.16 11.45 0.13
C HIS A 286 -21.19 11.30 1.32
N GLY A 287 -19.89 11.55 1.11
CA GLY A 287 -18.97 12.00 2.15
C GLY A 287 -18.11 10.90 2.80
N ILE A 288 -17.86 9.80 2.06
CA ILE A 288 -17.15 8.64 2.61
C ILE A 288 -15.67 8.70 2.26
N ILE A 289 -15.28 8.51 0.99
CA ILE A 289 -13.87 8.58 0.64
C ILE A 289 -13.37 9.99 0.96
N SER A 290 -14.18 11.01 0.63
CA SER A 290 -14.03 12.35 1.19
C SER A 290 -15.35 13.12 0.99
N SER B 21 -21.15 22.24 28.32
CA SER B 21 -22.14 23.29 27.94
C SER B 21 -21.42 24.60 27.56
N LYS B 22 -20.48 25.02 28.41
CA LYS B 22 -19.60 26.15 28.14
C LYS B 22 -18.73 25.82 26.94
N MET B 23 -18.12 24.61 26.95
CA MET B 23 -17.33 24.10 25.83
C MET B 23 -18.22 23.76 24.65
N ARG B 24 -19.54 23.61 24.90
CA ARG B 24 -20.48 23.23 23.85
C ARG B 24 -21.16 24.45 23.20
N ASP B 25 -21.49 25.54 23.91
CA ASP B 25 -21.89 26.75 23.17
C ASP B 25 -20.62 27.23 22.49
N ARG B 26 -19.44 26.91 23.05
CA ARG B 26 -18.19 27.42 22.51
C ARG B 26 -17.81 26.67 21.23
N LEU B 27 -18.26 25.42 21.10
CA LEU B 27 -18.25 24.72 19.81
C LEU B 27 -19.21 25.42 18.82
N PHE B 28 -20.49 25.59 19.24
CA PHE B 28 -21.52 26.11 18.35
C PHE B 28 -21.20 27.54 17.91
N PHE B 29 -20.58 28.34 18.79
CA PHE B 29 -20.30 29.74 18.49
C PHE B 29 -19.33 29.83 17.32
N LEU B 30 -18.36 28.91 17.26
CA LEU B 30 -17.39 28.86 16.19
C LEU B 30 -18.05 28.36 14.90
N LEU B 31 -18.84 27.30 15.02
CA LEU B 31 -19.59 26.74 13.90
C LEU B 31 -20.46 27.81 13.24
N SER B 32 -21.10 28.67 14.04
CA SER B 32 -21.99 29.70 13.52
C SER B 32 -21.19 30.93 13.09
N LYS B 33 -20.17 31.28 13.87
CA LYS B 33 -19.31 32.43 13.58
C LYS B 33 -18.65 32.28 12.22
N TYR B 34 -18.34 31.03 11.84
CA TYR B 34 -17.55 30.78 10.64
C TYR B 34 -18.45 30.21 9.55
N GLY B 35 -19.74 29.99 9.86
CA GLY B 35 -20.66 29.35 8.93
C GLY B 35 -20.22 27.98 8.43
N ILE B 36 -19.92 27.07 9.37
CA ILE B 36 -19.71 25.67 9.02
C ILE B 36 -20.73 24.79 9.72
N ARG B 37 -20.92 23.58 9.18
CA ARG B 37 -22.04 22.71 9.54
C ARG B 37 -21.60 21.78 10.66
N PRO B 38 -22.52 20.98 11.23
CA PRO B 38 -22.17 19.98 12.24
C PRO B 38 -20.98 19.14 11.81
N ARG B 39 -21.11 18.51 10.63
CA ARG B 39 -20.14 17.55 10.14
C ARG B 39 -19.91 17.87 8.67
N ASP B 40 -18.63 18.15 8.32
CA ASP B 40 -18.16 18.14 6.95
C ASP B 40 -18.14 16.71 6.39
N SER B 41 -17.38 15.83 7.07
CA SER B 41 -17.30 14.44 6.66
C SER B 41 -18.16 13.66 7.63
N ILE B 42 -18.67 12.53 7.15
CA ILE B 42 -19.41 11.59 7.97
C ILE B 42 -18.44 10.72 8.78
N GLY B 43 -17.13 11.03 8.73
CA GLY B 43 -16.15 10.35 9.55
C GLY B 43 -15.47 11.26 10.57
N GLN B 44 -16.20 12.29 11.10
CA GLN B 44 -15.65 13.30 12.01
C GLN B 44 -16.68 13.79 13.05
N HIS B 45 -16.28 13.72 14.33
CA HIS B 45 -17.07 14.03 15.52
C HIS B 45 -16.15 14.66 16.58
N PHE B 46 -16.25 15.97 16.83
CA PHE B 46 -15.31 16.68 17.72
C PHE B 46 -15.47 16.30 19.19
N LEU B 47 -14.35 16.16 19.90
CA LEU B 47 -14.37 16.01 21.35
C LEU B 47 -14.69 17.35 22.00
N ILE B 48 -15.66 17.35 22.93
CA ILE B 48 -16.27 18.58 23.42
C ILE B 48 -16.41 18.54 24.95
N ILE B 49 -15.44 17.93 25.66
CA ILE B 49 -15.46 17.87 27.11
C ILE B 49 -14.02 18.01 27.64
N GLU B 50 -13.87 18.83 28.67
CA GLU B 50 -12.57 19.39 29.05
C GLU B 50 -11.73 18.35 29.82
N ASP B 51 -12.35 17.55 30.71
CA ASP B 51 -11.56 16.72 31.61
C ASP B 51 -11.25 15.36 30.96
N VAL B 52 -11.83 15.11 29.78
CA VAL B 52 -11.41 14.05 28.88
C VAL B 52 -10.14 14.50 28.16
N ILE B 53 -10.14 15.77 27.71
CA ILE B 53 -8.96 16.45 27.20
C ILE B 53 -7.87 16.49 28.28
N GLU B 54 -8.25 16.85 29.52
CA GLU B 54 -7.27 17.01 30.59
C GLU B 54 -6.68 15.64 30.92
N LYS B 55 -7.57 14.63 31.03
CA LYS B 55 -7.17 13.27 31.36
C LYS B 55 -6.39 12.65 30.19
N ALA B 56 -6.62 13.09 28.95
CA ALA B 56 -5.83 12.64 27.81
C ALA B 56 -4.38 13.14 27.96
N ILE B 57 -4.25 14.40 28.41
CA ILE B 57 -2.96 15.03 28.60
C ILE B 57 -2.26 14.38 29.79
N GLU B 58 -3.00 14.20 30.90
CA GLU B 58 -2.40 13.70 32.13
C GLU B 58 -1.91 12.27 31.91
N THR B 59 -2.61 11.50 31.07
CA THR B 59 -2.20 10.15 30.72
C THR B 59 -0.86 10.18 29.96
N ALA B 60 -0.64 11.23 29.15
CA ALA B 60 0.54 11.34 28.31
C ALA B 60 1.75 11.95 29.04
N ASN B 61 1.50 12.69 30.12
CA ASN B 61 2.53 13.35 30.91
C ASN B 61 3.29 14.38 30.06
N VAL B 62 2.52 15.24 29.38
CA VAL B 62 3.04 16.29 28.52
C VAL B 62 3.76 17.33 29.39
N ASN B 63 5.05 17.55 29.07
CA ASN B 63 5.90 18.48 29.79
C ASN B 63 6.46 19.51 28.78
N GLU B 64 7.21 20.47 29.34
CA GLU B 64 7.76 21.60 28.61
C GLU B 64 8.76 21.13 27.54
N ASN B 65 9.18 19.86 27.59
CA ASN B 65 10.27 19.37 26.76
C ASN B 65 9.73 18.62 25.54
N ASP B 66 8.45 18.25 25.57
CA ASP B 66 7.92 17.25 24.66
C ASP B 66 7.65 17.90 23.30
N VAL B 67 7.55 17.06 22.26
CA VAL B 67 7.21 17.49 20.90
C VAL B 67 6.07 16.60 20.40
N ILE B 68 4.89 17.23 20.21
CA ILE B 68 3.59 16.58 20.15
C ILE B 68 3.12 16.45 18.70
N LEU B 69 2.33 15.38 18.45
CA LEU B 69 1.63 15.16 17.19
C LEU B 69 0.14 14.91 17.46
N GLU B 70 -0.68 15.94 17.25
CA GLU B 70 -2.12 15.80 17.20
C GLU B 70 -2.52 15.56 15.74
N VAL B 71 -3.61 14.81 15.52
CA VAL B 71 -4.26 14.71 14.22
C VAL B 71 -5.64 15.30 14.40
N GLY B 72 -6.18 15.92 13.35
CA GLY B 72 -7.52 16.48 13.37
C GLY B 72 -7.89 17.45 14.48
N PRO B 73 -7.14 18.56 14.64
CA PRO B 73 -7.38 19.54 15.70
C PRO B 73 -8.80 20.08 15.84
N GLY B 74 -9.55 20.04 14.75
CA GLY B 74 -10.95 20.42 14.79
C GLY B 74 -11.04 21.92 14.99
N LEU B 75 -11.45 22.37 16.18
CA LEU B 75 -11.63 23.79 16.46
C LEU B 75 -10.59 24.30 17.46
N GLY B 76 -9.50 23.54 17.62
CA GLY B 76 -8.34 23.98 18.37
C GLY B 76 -8.46 23.68 19.87
N PHE B 77 -9.51 22.94 20.26
CA PHE B 77 -9.84 22.78 21.67
C PHE B 77 -8.71 22.05 22.40
N LEU B 78 -8.29 20.90 21.86
CA LEU B 78 -7.24 20.08 22.46
C LEU B 78 -5.86 20.62 22.09
N THR B 79 -5.76 21.34 20.96
CA THR B 79 -4.50 21.93 20.51
C THR B 79 -4.04 23.01 21.49
N ASP B 80 -5.02 23.77 22.01
CA ASP B 80 -4.80 24.82 22.99
C ASP B 80 -4.06 24.23 24.18
N GLU B 81 -4.62 23.16 24.77
CA GLU B 81 -4.14 22.59 26.04
C GLU B 81 -2.80 21.87 25.87
N LEU B 82 -2.54 21.33 24.68
CA LEU B 82 -1.24 20.77 24.31
C LEU B 82 -0.21 21.90 24.16
N ALA B 83 -0.64 22.97 23.48
CA ALA B 83 0.24 24.08 23.12
C ALA B 83 0.73 24.82 24.37
N LYS B 84 -0.08 24.81 25.43
CA LYS B 84 0.23 25.57 26.63
C LYS B 84 1.01 24.71 27.62
N ARG B 85 1.34 23.46 27.26
CA ARG B 85 2.00 22.53 28.15
C ARG B 85 3.32 22.01 27.57
N ALA B 86 3.48 22.04 26.25
CA ALA B 86 4.65 21.46 25.61
C ALA B 86 5.49 22.54 24.92
N LYS B 87 6.69 22.15 24.51
CA LYS B 87 7.59 23.00 23.74
C LYS B 87 7.02 23.22 22.35
N LYS B 88 6.75 22.12 21.63
CA LYS B 88 6.37 22.15 20.23
C LYS B 88 5.18 21.22 20.01
N VAL B 89 4.32 21.62 19.07
CA VAL B 89 3.15 20.85 18.69
C VAL B 89 2.95 20.95 17.17
N TYR B 90 3.01 19.80 16.49
CA TYR B 90 2.60 19.67 15.10
C TYR B 90 1.19 19.10 15.10
N THR B 91 0.37 19.49 14.12
CA THR B 91 -1.05 19.17 14.14
C THR B 91 -1.57 19.25 12.71
N ILE B 92 -2.29 18.21 12.26
CA ILE B 92 -2.67 18.09 10.85
C ILE B 92 -4.19 18.28 10.72
N GLU B 93 -4.63 19.17 9.81
CA GLU B 93 -5.98 19.12 9.26
C GLU B 93 -5.85 19.31 7.74
N ILE B 94 -6.89 18.84 7.02
CA ILE B 94 -6.96 18.70 5.58
C ILE B 94 -7.82 19.82 4.97
N ASP B 95 -8.79 20.36 5.76
CA ASP B 95 -9.67 21.44 5.33
C ASP B 95 -8.94 22.76 5.55
N GLN B 96 -8.86 23.57 4.49
CA GLN B 96 -8.12 24.83 4.55
C GLN B 96 -8.87 25.86 5.39
N LYS B 97 -10.19 25.73 5.51
CA LYS B 97 -10.95 26.68 6.34
C LYS B 97 -10.72 26.39 7.82
N ILE B 98 -10.53 25.11 8.18
CA ILE B 98 -10.29 24.79 9.57
C ILE B 98 -9.04 25.53 10.02
N ILE B 99 -7.99 25.42 9.22
CA ILE B 99 -6.73 26.11 9.50
C ILE B 99 -7.01 27.60 9.70
N GLU B 100 -7.70 28.23 8.74
CA GLU B 100 -8.04 29.65 8.81
C GLU B 100 -8.69 30.01 10.15
N ILE B 101 -9.36 29.03 10.79
CA ILE B 101 -10.13 29.27 12.00
C ILE B 101 -9.24 29.04 13.23
N LEU B 102 -8.23 28.18 13.08
CA LEU B 102 -7.26 27.92 14.13
C LEU B 102 -6.25 29.06 14.22
N LYS B 103 -6.11 29.79 13.11
CA LYS B 103 -5.17 30.88 13.01
C LYS B 103 -5.83 32.18 13.47
N LYS B 104 -7.13 32.35 13.18
CA LYS B 104 -7.84 33.55 13.58
C LYS B 104 -8.13 33.51 15.09
N GLU B 105 -8.66 32.39 15.56
CA GLU B 105 -9.24 32.36 16.90
C GLU B 105 -8.15 32.18 17.97
N TYR B 106 -6.90 31.87 17.55
CA TYR B 106 -5.84 31.51 18.48
C TYR B 106 -4.57 32.30 18.16
N SER B 107 -3.67 32.39 19.14
CA SER B 107 -2.44 33.18 19.04
C SER B 107 -1.25 32.37 19.57
N TRP B 108 -1.00 31.23 18.91
CA TRP B 108 0.01 30.27 19.36
C TRP B 108 1.39 30.67 18.87
N ASN B 109 2.40 30.50 19.75
CA ASN B 109 3.79 30.66 19.35
C ASN B 109 4.38 29.32 18.91
N ASN B 110 3.89 28.21 19.48
CA ASN B 110 4.61 26.96 19.37
C ASN B 110 3.90 25.94 18.48
N VAL B 111 2.63 26.18 18.14
CA VAL B 111 1.89 25.23 17.34
C VAL B 111 2.30 25.37 15.88
N LYS B 112 2.45 24.24 15.19
CA LYS B 112 2.76 24.20 13.76
C LYS B 112 1.64 23.45 13.04
N ILE B 113 0.75 24.22 12.40
CA ILE B 113 -0.33 23.67 11.60
C ILE B 113 0.26 23.08 10.34
N ILE B 114 -0.14 21.83 10.03
CA ILE B 114 0.20 21.16 8.78
C ILE B 114 -1.11 20.88 8.06
N GLN B 115 -1.18 21.32 6.80
CA GLN B 115 -2.32 21.00 5.96
C GLN B 115 -2.02 19.65 5.30
N GLY B 116 -2.94 18.69 5.43
CA GLY B 116 -2.90 17.49 4.62
C GLY B 116 -3.78 16.37 5.17
N ALA B 117 -3.91 15.32 4.33
CA ALA B 117 -4.28 14.01 4.79
C ALA B 117 -3.06 13.42 5.48
N ALA B 118 -3.16 13.29 6.82
CA ALA B 118 -2.07 12.90 7.70
C ALA B 118 -1.48 11.54 7.35
N VAL B 119 -2.16 10.72 6.54
CA VAL B 119 -1.62 9.42 6.17
C VAL B 119 -0.61 9.57 5.05
N ARG B 120 -0.80 10.59 4.19
CA ARG B 120 0.01 10.79 2.99
C ARG B 120 1.20 11.72 3.30
N VAL B 121 0.96 12.79 4.07
CA VAL B 121 1.99 13.78 4.36
C VAL B 121 3.08 13.12 5.18
N GLU B 122 4.29 13.69 5.10
CA GLU B 122 5.44 13.23 5.87
C GLU B 122 5.44 13.88 7.26
N TRP B 123 5.58 13.05 8.31
CA TRP B 123 5.44 13.47 9.68
C TRP B 123 6.74 14.08 10.22
N PRO B 124 6.68 14.92 11.28
CA PRO B 124 7.88 15.40 11.96
C PRO B 124 8.46 14.35 12.90
N LYS B 125 9.58 14.69 13.57
CA LYS B 125 9.93 14.03 14.81
C LYS B 125 8.96 14.52 15.89
N PHE B 126 8.64 13.63 16.83
CA PHE B 126 7.79 13.93 17.98
C PHE B 126 8.09 12.86 19.00
N ASN B 127 8.06 13.20 20.30
CA ASN B 127 8.32 12.17 21.28
C ASN B 127 6.98 11.60 21.74
N LYS B 128 5.90 12.36 21.48
CA LYS B 128 4.59 11.97 21.97
C LYS B 128 3.51 12.32 20.97
N VAL B 129 2.33 11.77 21.25
CA VAL B 129 1.11 11.97 20.49
C VAL B 129 0.01 12.15 21.52
N VAL B 130 -0.90 13.10 21.27
CA VAL B 130 -2.13 13.26 22.04
C VAL B 130 -3.19 13.68 21.02
N SER B 131 -4.05 12.76 20.64
CA SER B 131 -4.90 13.01 19.49
C SER B 131 -6.29 12.41 19.68
N ASN B 132 -7.24 12.91 18.88
CA ASN B 132 -8.52 12.26 18.68
C ASN B 132 -8.54 11.77 17.23
N ILE B 133 -8.30 10.47 17.06
CA ILE B 133 -8.19 9.84 15.76
C ILE B 133 -9.56 9.81 15.08
N PRO B 134 -9.77 10.60 13.99
CA PRO B 134 -11.02 10.53 13.24
C PRO B 134 -11.09 9.14 12.60
N TYR B 135 -12.30 8.61 12.53
CA TYR B 135 -12.48 7.16 12.46
C TYR B 135 -12.18 6.73 11.02
N LYS B 136 -12.46 7.65 10.08
CA LYS B 136 -12.19 7.42 8.68
C LYS B 136 -10.74 6.94 8.47
N ILE B 137 -9.85 7.27 9.40
CA ILE B 137 -8.43 6.99 9.19
C ILE B 137 -7.85 6.28 10.41
N SER B 138 -8.67 5.57 11.17
CA SER B 138 -8.15 4.97 12.39
C SER B 138 -7.05 3.94 12.07
N SER B 139 -7.22 3.19 10.96
CA SER B 139 -6.35 2.07 10.64
C SER B 139 -5.12 2.49 9.82
N PRO B 140 -5.23 3.29 8.73
CA PRO B 140 -4.04 3.75 8.04
C PRO B 140 -3.12 4.45 9.03
N PHE B 141 -3.67 5.44 9.76
CA PHE B 141 -2.93 6.20 10.75
C PHE B 141 -2.14 5.25 11.66
N THR B 142 -2.87 4.41 12.40
CA THR B 142 -2.26 3.63 13.46
C THR B 142 -1.09 2.82 12.91
N PHE B 143 -1.20 2.32 11.67
CA PHE B 143 -0.16 1.48 11.09
C PHE B 143 1.14 2.25 10.98
N LYS B 144 1.04 3.47 10.45
CA LYS B 144 2.16 4.39 10.31
C LYS B 144 2.81 4.68 11.67
N LEU B 145 1.97 4.86 12.70
CA LEU B 145 2.40 5.29 14.01
C LEU B 145 3.25 4.22 14.67
N LEU B 146 2.75 2.97 14.64
CA LEU B 146 3.42 1.83 15.23
C LEU B 146 4.80 1.60 14.61
N LYS B 147 5.13 2.28 13.50
CA LYS B 147 6.41 2.11 12.84
C LYS B 147 7.21 3.41 12.92
N THR B 148 7.44 3.89 14.15
CA THR B 148 7.97 5.22 14.39
C THR B 148 8.66 5.27 15.76
N ASP B 149 9.59 6.21 15.92
CA ASP B 149 10.20 6.50 17.21
C ASP B 149 9.33 7.51 17.94
N PHE B 150 8.60 7.03 18.95
CA PHE B 150 7.80 7.82 19.90
C PHE B 150 7.84 7.11 21.24
N GLU B 151 7.95 7.84 22.35
CA GLU B 151 7.98 7.15 23.63
C GLU B 151 6.55 6.86 24.14
N ARG B 152 5.55 7.63 23.68
CA ARG B 152 4.20 7.49 24.23
C ARG B 152 3.16 8.13 23.29
N ALA B 153 2.00 7.48 23.17
CA ALA B 153 0.91 7.97 22.32
C ALA B 153 -0.42 7.72 23.01
N VAL B 154 -1.25 8.78 23.14
CA VAL B 154 -2.52 8.70 23.85
C VAL B 154 -3.65 9.13 22.89
N VAL B 155 -4.25 8.10 22.24
CA VAL B 155 -5.13 8.26 21.08
C VAL B 155 -6.54 7.81 21.48
N MET B 156 -7.54 8.43 20.82
CA MET B 156 -8.95 8.23 21.10
C MET B 156 -9.62 7.65 19.85
N TYR B 157 -9.61 6.31 19.75
CA TYR B 157 -10.35 5.56 18.73
C TYR B 157 -11.79 5.33 19.19
N GLN B 158 -12.57 4.60 18.36
CA GLN B 158 -13.82 3.96 18.80
C GLN B 158 -13.54 2.72 19.65
N LEU B 159 -14.53 2.29 20.44
CA LEU B 159 -14.31 1.17 21.34
C LEU B 159 -14.01 -0.10 20.57
N GLU B 160 -14.68 -0.35 19.43
CA GLU B 160 -14.45 -1.58 18.66
C GLU B 160 -13.02 -1.59 18.12
N PHE B 161 -12.58 -0.52 17.46
CA PHE B 161 -11.23 -0.44 16.93
C PHE B 161 -10.19 -0.67 18.03
N ALA B 162 -10.38 0.00 19.17
CA ALA B 162 -9.48 -0.13 20.30
C ALA B 162 -9.42 -1.56 20.80
N LEU B 163 -10.56 -2.27 20.73
CA LEU B 163 -10.65 -3.65 21.20
C LEU B 163 -9.95 -4.57 20.19
N ARG B 164 -10.01 -4.23 18.90
CA ARG B 164 -9.35 -5.01 17.86
C ARG B 164 -7.84 -4.85 18.02
N MET B 165 -7.41 -3.71 18.55
CA MET B 165 -6.01 -3.45 18.77
C MET B 165 -5.48 -4.34 19.89
N VAL B 166 -6.32 -4.66 20.88
CA VAL B 166 -5.86 -5.36 22.08
C VAL B 166 -6.35 -6.81 22.08
N ALA B 167 -6.90 -7.29 20.97
CA ALA B 167 -7.38 -8.66 20.89
C ALA B 167 -6.18 -9.60 20.91
N LYS B 168 -6.40 -10.79 21.49
CA LYS B 168 -5.34 -11.74 21.78
C LYS B 168 -5.33 -12.75 20.63
N PRO B 169 -4.16 -13.27 20.19
CA PRO B 169 -4.13 -14.23 19.07
C PRO B 169 -4.98 -15.46 19.36
N GLY B 170 -5.71 -15.90 18.34
CA GLY B 170 -6.68 -16.98 18.48
C GLY B 170 -8.11 -16.46 18.60
N SER B 171 -8.28 -15.32 19.31
CA SER B 171 -9.58 -14.73 19.56
C SER B 171 -10.20 -14.19 18.27
N ARG B 172 -11.54 -14.22 18.21
CA ARG B 172 -12.26 -14.05 16.96
C ARG B 172 -11.71 -12.89 16.13
N ASN B 173 -11.61 -11.73 16.78
CA ASN B 173 -11.48 -10.44 16.12
C ASN B 173 -10.00 -10.03 15.97
N TYR B 174 -9.10 -11.01 15.95
CA TYR B 174 -7.68 -10.79 15.75
C TYR B 174 -7.42 -10.54 14.26
N SER B 175 -6.64 -9.51 13.95
CA SER B 175 -6.51 -8.98 12.60
C SER B 175 -5.05 -8.61 12.30
N ARG B 176 -4.81 -8.00 11.12
CA ARG B 176 -3.51 -7.48 10.74
C ARG B 176 -3.08 -6.39 11.73
N LEU B 177 -4.07 -5.64 12.25
CA LEU B 177 -3.81 -4.57 13.21
C LEU B 177 -3.31 -5.15 14.53
N SER B 178 -4.09 -6.07 15.11
CA SER B 178 -3.80 -6.62 16.43
C SER B 178 -2.41 -7.23 16.49
N LEU B 179 -1.96 -7.82 15.36
CA LEU B 179 -0.65 -8.43 15.26
C LEU B 179 0.43 -7.36 15.40
N MET B 180 0.35 -6.35 14.54
CA MET B 180 1.39 -5.34 14.44
C MET B 180 1.34 -4.43 15.67
N ALA B 181 0.18 -4.39 16.35
CA ALA B 181 -0.01 -3.64 17.59
C ALA B 181 0.62 -4.39 18.76
N GLN B 182 0.78 -5.70 18.58
CA GLN B 182 1.40 -6.56 19.58
C GLN B 182 2.90 -6.65 19.29
N ALA B 183 3.24 -6.92 18.03
CA ALA B 183 4.62 -7.00 17.59
C ALA B 183 5.39 -5.77 18.06
N LEU B 184 4.76 -4.58 18.00
CA LEU B 184 5.51 -3.34 18.02
C LEU B 184 5.11 -2.39 19.15
N GLY B 185 4.15 -2.75 20.01
CA GLY B 185 3.68 -1.80 21.01
C GLY B 185 2.99 -2.47 22.17
N ASN B 186 2.88 -1.75 23.30
CA ASN B 186 2.00 -2.17 24.39
C ASN B 186 0.77 -1.27 24.33
N VAL B 187 -0.42 -1.85 24.44
CA VAL B 187 -1.64 -1.10 24.20
C VAL B 187 -2.58 -1.36 25.39
N GLU B 188 -3.14 -0.28 25.92
CA GLU B 188 -3.83 -0.28 27.21
C GLU B 188 -5.06 0.55 26.93
N ILE B 189 -6.26 -0.02 27.01
CA ILE B 189 -7.44 0.83 26.98
C ILE B 189 -7.53 1.45 28.38
N VAL B 190 -7.35 2.76 28.45
CA VAL B 190 -7.21 3.47 29.72
C VAL B 190 -8.58 3.57 30.39
N MET B 191 -9.58 3.84 29.54
CA MET B 191 -10.96 3.95 29.95
C MET B 191 -11.81 4.10 28.70
N LYS B 192 -13.10 3.80 28.87
CA LYS B 192 -14.09 4.02 27.82
C LYS B 192 -14.45 5.50 27.87
N ILE B 193 -14.90 6.04 26.74
CA ILE B 193 -15.25 7.44 26.61
C ILE B 193 -16.67 7.56 26.03
N GLY B 194 -17.57 8.08 26.86
CA GLY B 194 -18.97 8.24 26.49
C GLY B 194 -19.12 8.93 25.13
N LYS B 195 -20.04 8.38 24.33
CA LYS B 195 -20.45 9.01 23.09
C LYS B 195 -20.98 10.43 23.36
N GLY B 196 -21.27 10.75 24.63
CA GLY B 196 -21.77 12.06 25.02
C GLY B 196 -20.72 13.16 24.89
N ALA B 197 -19.43 12.78 24.96
CA ALA B 197 -18.32 13.73 24.97
C ALA B 197 -17.92 14.19 23.56
N PHE B 198 -18.77 13.94 22.56
CA PHE B 198 -18.49 14.33 21.19
C PHE B 198 -19.72 15.00 20.57
N TYR B 199 -19.50 15.61 19.39
CA TYR B 199 -20.52 16.21 18.55
C TYR B 199 -20.15 16.07 17.08
N PRO B 200 -21.08 15.61 16.20
CA PRO B 200 -22.38 15.12 16.64
C PRO B 200 -22.14 13.86 17.50
N ARG B 201 -23.08 13.56 18.41
CA ARG B 201 -23.05 12.31 19.15
C ARG B 201 -22.71 11.18 18.17
N PRO B 202 -21.69 10.33 18.44
CA PRO B 202 -21.42 9.17 17.59
C PRO B 202 -22.46 8.11 17.89
N LYS B 203 -22.58 7.13 16.98
CA LYS B 203 -23.53 6.06 17.20
C LYS B 203 -23.02 5.14 18.31
N VAL B 204 -21.70 5.13 18.54
CA VAL B 204 -21.07 4.19 19.44
C VAL B 204 -20.08 4.90 20.37
N ASP B 205 -19.60 4.15 21.36
CA ASP B 205 -18.67 4.66 22.36
C ASP B 205 -17.29 4.73 21.76
N SER B 206 -16.38 5.39 22.49
CA SER B 206 -14.98 5.46 22.12
C SER B 206 -14.16 4.88 23.25
N ALA B 207 -12.84 4.84 23.05
CA ALA B 207 -11.92 4.42 24.10
C ALA B 207 -10.64 5.25 24.04
N LEU B 208 -10.00 5.39 25.21
CA LEU B 208 -8.71 6.05 25.33
C LEU B 208 -7.65 4.97 25.33
N VAL B 209 -6.62 5.16 24.50
CA VAL B 209 -5.63 4.13 24.25
C VAL B 209 -4.25 4.71 24.50
N LEU B 210 -3.50 4.11 25.42
CA LEU B 210 -2.08 4.38 25.57
C LEU B 210 -1.30 3.41 24.67
N ILE B 211 -0.28 3.95 23.98
CA ILE B 211 0.65 3.13 23.23
C ILE B 211 2.07 3.58 23.58
N GLU B 212 2.70 2.85 24.50
CA GLU B 212 4.15 2.83 24.64
C GLU B 212 4.68 1.84 23.60
N PRO B 213 5.81 2.13 22.91
CA PRO B 213 6.35 1.24 21.88
C PRO B 213 7.13 0.13 22.55
N ARG B 214 7.15 -1.05 21.95
CA ARG B 214 7.78 -2.22 22.55
C ARG B 214 9.30 -2.02 22.52
N LYS B 215 9.96 -2.49 23.59
CA LYS B 215 11.41 -2.50 23.73
C LYS B 215 12.05 -3.37 22.64
N ASP B 216 11.40 -4.51 22.40
CA ASP B 216 11.87 -5.60 21.57
C ASP B 216 10.91 -5.77 20.40
N LYS B 217 10.66 -4.67 19.65
CA LYS B 217 9.81 -4.66 18.48
C LYS B 217 10.10 -5.89 17.64
N ILE B 218 9.08 -6.71 17.35
CA ILE B 218 9.25 -7.82 16.42
C ILE B 218 8.94 -7.28 15.02
N VAL B 219 10.00 -7.16 14.21
CA VAL B 219 9.93 -6.44 12.94
C VAL B 219 9.47 -7.44 11.90
N LEU B 220 8.35 -7.13 11.21
CA LEU B 220 7.69 -8.08 10.30
C LEU B 220 7.66 -7.52 8.87
N ASN B 221 7.62 -8.44 7.89
CA ASN B 221 7.49 -8.08 6.48
C ASN B 221 6.02 -7.80 6.18
N GLU B 222 5.75 -6.66 5.54
CA GLU B 222 4.40 -6.15 5.29
C GLU B 222 3.65 -7.03 4.30
N ASN B 223 4.30 -7.37 3.17
CA ASN B 223 3.67 -8.08 2.08
C ASN B 223 3.29 -9.50 2.50
N LEU B 224 4.11 -10.08 3.39
CA LEU B 224 3.83 -11.38 3.96
C LEU B 224 2.55 -11.31 4.80
N VAL B 225 2.49 -10.30 5.70
CA VAL B 225 1.48 -10.19 6.74
C VAL B 225 0.10 -9.93 6.13
N LYS B 226 0.05 -9.07 5.11
CA LYS B 226 -1.18 -8.80 4.37
C LYS B 226 -1.66 -10.08 3.69
N ALA B 227 -0.72 -10.77 3.03
CA ALA B 227 -1.00 -11.99 2.30
C ALA B 227 -1.64 -13.02 3.22
N LEU B 228 -0.98 -13.26 4.37
CA LEU B 228 -1.49 -14.16 5.40
C LEU B 228 -2.87 -13.67 5.85
N PHE B 229 -3.00 -12.35 6.11
CA PHE B 229 -4.20 -11.77 6.72
C PHE B 229 -5.28 -11.36 5.70
N GLN B 230 -5.00 -11.46 4.39
CA GLN B 230 -6.03 -11.28 3.35
C GLN B 230 -7.23 -12.17 3.67
N HIS B 231 -6.96 -13.43 4.03
CA HIS B 231 -8.00 -14.37 4.42
C HIS B 231 -7.50 -15.12 5.65
N ARG B 232 -7.83 -14.53 6.81
CA ARG B 232 -7.14 -14.82 8.06
C ARG B 232 -7.72 -16.08 8.68
N ARG B 233 -8.82 -16.57 8.11
CA ARG B 233 -9.46 -17.78 8.61
C ARG B 233 -8.77 -19.01 8.02
N LYS B 234 -7.90 -18.84 7.02
CA LYS B 234 -7.23 -19.94 6.32
C LYS B 234 -6.02 -20.43 7.11
N THR B 235 -5.72 -21.73 6.97
CA THR B 235 -4.47 -22.30 7.44
C THR B 235 -3.33 -21.66 6.66
N VAL B 236 -2.12 -21.68 7.22
CA VAL B 236 -1.04 -20.88 6.67
C VAL B 236 -0.57 -21.47 5.34
N PRO B 237 -0.69 -22.80 5.07
CA PRO B 237 -0.45 -23.30 3.71
C PRO B 237 -1.44 -22.72 2.71
N ARG B 238 -2.74 -22.84 3.01
CA ARG B 238 -3.82 -22.34 2.17
C ARG B 238 -3.72 -20.82 1.99
N ALA B 239 -3.30 -20.12 3.05
CA ALA B 239 -3.15 -18.68 3.06
C ALA B 239 -1.95 -18.25 2.20
N LEU B 240 -0.87 -19.05 2.24
CA LEU B 240 0.31 -18.79 1.42
C LEU B 240 0.07 -19.28 0.00
N LYS B 241 -0.69 -20.38 -0.16
CA LYS B 241 -0.88 -21.00 -1.46
C LYS B 241 -1.72 -20.11 -2.37
N ASP B 242 -2.78 -19.53 -1.79
CA ASP B 242 -3.78 -18.76 -2.52
C ASP B 242 -3.22 -17.39 -2.92
N SER B 243 -2.31 -16.84 -2.11
CA SER B 243 -1.83 -15.47 -2.27
C SER B 243 -0.88 -15.30 -3.46
N ILE B 244 -0.09 -16.31 -3.79
CA ILE B 244 1.15 -16.12 -4.55
C ILE B 244 0.95 -16.41 -6.05
N HIS B 245 -0.05 -17.21 -6.42
CA HIS B 245 -0.55 -17.22 -7.80
C HIS B 245 -1.03 -15.80 -8.12
N MET B 246 -1.49 -15.05 -7.10
CA MET B 246 -2.01 -13.72 -7.31
C MET B 246 -0.84 -12.78 -7.60
N LEU B 247 0.23 -12.87 -6.81
CA LEU B 247 1.38 -12.01 -6.97
C LEU B 247 1.87 -11.99 -8.43
N GLY B 248 1.81 -13.16 -9.11
CA GLY B 248 2.40 -13.36 -10.43
C GLY B 248 3.41 -14.52 -10.44
N VAL B 249 3.56 -15.16 -9.26
CA VAL B 249 4.47 -16.26 -9.03
C VAL B 249 3.80 -17.56 -9.43
N SER B 250 4.56 -18.43 -10.15
CA SER B 250 4.09 -19.75 -10.50
C SER B 250 3.90 -20.58 -9.23
N LYS B 251 2.81 -21.36 -9.20
CA LYS B 251 2.47 -22.22 -8.07
C LYS B 251 3.37 -23.45 -8.08
N ASP B 252 3.79 -23.85 -9.29
CA ASP B 252 4.59 -25.04 -9.50
C ASP B 252 5.98 -24.82 -8.89
N GLU B 253 6.49 -23.57 -8.94
CA GLU B 253 7.83 -23.26 -8.48
C GLU B 253 7.84 -23.12 -6.95
N ILE B 254 6.68 -23.35 -6.31
CA ILE B 254 6.51 -22.96 -4.91
C ILE B 254 5.80 -24.02 -4.05
N ARG B 255 5.32 -25.10 -4.70
CA ARG B 255 4.56 -26.14 -4.02
C ARG B 255 5.40 -26.63 -2.84
N GLY B 256 6.54 -27.23 -3.17
CA GLY B 256 7.40 -27.87 -2.19
C GLY B 256 7.78 -26.95 -1.03
N ILE B 257 8.20 -25.72 -1.36
CA ILE B 257 8.85 -24.86 -0.38
C ILE B 257 7.89 -24.55 0.78
N ILE B 258 6.64 -24.21 0.44
CA ILE B 258 5.69 -23.76 1.45
C ILE B 258 5.33 -24.93 2.38
N ASN B 259 5.41 -26.16 1.86
CA ASN B 259 4.84 -27.30 2.55
C ASN B 259 5.83 -27.88 3.58
N ASN B 260 6.82 -27.07 3.99
CA ASN B 260 7.57 -27.32 5.22
C ASN B 260 7.52 -26.06 6.09
N VAL B 261 6.52 -25.20 5.85
CA VAL B 261 6.43 -23.91 6.50
C VAL B 261 6.10 -24.13 7.98
N PRO B 262 6.78 -23.42 8.92
CA PRO B 262 6.50 -23.57 10.36
C PRO B 262 5.05 -23.24 10.71
N HIS B 263 4.54 -23.91 11.75
CA HIS B 263 3.16 -23.78 12.18
C HIS B 263 2.21 -23.82 10.98
N SER B 264 2.37 -24.82 10.10
CA SER B 264 1.42 -25.01 9.01
C SER B 264 0.04 -25.41 9.57
N ASN B 265 0.02 -25.78 10.85
CA ASN B 265 -1.19 -26.27 11.50
C ASN B 265 -2.10 -25.11 11.90
N LYS B 266 -1.52 -23.94 12.16
CA LYS B 266 -2.33 -22.82 12.62
C LYS B 266 -3.09 -22.22 11.43
N ARG B 267 -4.22 -21.61 11.77
CA ARG B 267 -4.85 -20.57 10.96
C ARG B 267 -4.13 -19.25 11.25
N VAL B 268 -4.38 -18.24 10.41
CA VAL B 268 -3.59 -17.03 10.46
C VAL B 268 -4.02 -16.17 11.66
N PHE B 269 -5.28 -16.30 12.10
CA PHE B 269 -5.81 -15.49 13.20
C PHE B 269 -5.33 -16.02 14.55
N GLN B 270 -4.44 -17.03 14.52
CA GLN B 270 -3.92 -17.69 15.72
C GLN B 270 -2.41 -17.46 15.83
N LEU B 271 -1.87 -16.58 14.99
CA LEU B 271 -0.43 -16.41 14.88
C LEU B 271 0.06 -15.32 15.84
N TYR B 272 1.15 -15.64 16.58
CA TYR B 272 1.90 -14.67 17.35
C TYR B 272 2.90 -13.99 16.42
N PRO B 273 3.35 -12.76 16.73
CA PRO B 273 4.38 -12.09 15.94
C PRO B 273 5.67 -12.90 15.86
N GLU B 274 5.91 -13.66 16.94
CA GLU B 274 6.99 -14.61 17.03
C GLU B 274 6.84 -15.68 15.94
N GLU B 275 5.59 -16.00 15.57
CA GLU B 275 5.31 -17.09 14.66
C GLU B 275 5.24 -16.61 13.21
N VAL B 276 4.94 -15.33 13.00
CA VAL B 276 4.98 -14.74 11.67
C VAL B 276 6.43 -14.52 11.27
N LYS B 277 7.28 -14.21 12.26
CA LYS B 277 8.68 -13.97 12.01
C LYS B 277 9.38 -15.26 11.58
N ASP B 278 8.97 -16.39 12.18
CA ASP B 278 9.50 -17.70 11.85
C ASP B 278 9.17 -18.03 10.40
N ILE B 279 7.95 -17.72 9.99
CA ILE B 279 7.54 -17.88 8.60
C ILE B 279 8.31 -16.91 7.71
N GLU B 280 8.64 -15.71 8.24
CA GLU B 280 9.38 -14.71 7.48
C GLU B 280 10.76 -15.25 7.12
N GLU B 281 11.56 -15.60 8.15
CA GLU B 281 12.95 -15.97 7.95
C GLU B 281 13.03 -17.23 7.08
N TYR B 282 11.95 -18.02 7.07
CA TYR B 282 11.87 -19.27 6.33
C TYR B 282 11.69 -19.01 4.83
N LEU B 283 10.70 -18.17 4.49
CA LEU B 283 10.42 -17.80 3.11
C LEU B 283 11.59 -17.01 2.53
N LYS B 284 12.24 -16.20 3.37
CA LYS B 284 13.35 -15.37 2.93
C LYS B 284 14.56 -16.27 2.66
N LYS B 285 14.87 -17.14 3.62
CA LYS B 285 15.87 -18.20 3.46
C LYS B 285 15.59 -19.00 2.18
N HIS B 286 14.39 -19.62 2.11
CA HIS B 286 14.02 -20.49 1.00
C HIS B 286 13.68 -19.66 -0.26
N GLY B 287 13.73 -18.32 -0.16
CA GLY B 287 13.96 -17.43 -1.30
C GLY B 287 12.70 -16.79 -1.90
N ILE B 288 11.63 -16.63 -1.11
CA ILE B 288 10.35 -16.13 -1.61
C ILE B 288 10.22 -14.62 -1.37
N ILE B 289 10.06 -14.18 -0.12
CA ILE B 289 9.83 -12.77 0.13
C ILE B 289 11.06 -11.99 -0.36
N SER B 290 12.26 -12.51 -0.06
CA SER B 290 13.50 -11.98 -0.59
C SER B 290 14.63 -12.99 -0.35
#